data_8WGS
#
_entry.id   8WGS
#
_cell.length_a   43.329
_cell.length_b   85.949
_cell.length_c   63.863
_cell.angle_alpha   90.00
_cell.angle_beta   90.00
_cell.angle_gamma   90.00
#
_symmetry.space_group_name_H-M   'P 21 21 2'
#
loop_
_entity.id
_entity.type
_entity.pdbx_description
1 polymer Transthyretin
2 non-polymer [3,5-bis(iodanyl)-4-oxidanyl-phenyl]-(2-ethyl-4-iodanyl-1-benzofuran-3-yl)methanone
3 water water
#
_entity_poly.entity_id   1
_entity_poly.type   'polypeptide(L)'
_entity_poly.pdbx_seq_one_letter_code
;MRGSHHHHHHGSMASHRLLLLCLAGLVFVSEAGPTGTGESKCPLMVKVLDAVRGSPAINVAMHVFRKAADDTWEPFASGK
TSESGELHGLTTEEEFVEGIYKVEIDTKSYWKALGISPFHEHAEVVFTANDSGPRRYTIAALLSPYSYSTTAVVTNPKE
;
_entity_poly.pdbx_strand_id   A,B
#
# COMPACT_ATOMS: atom_id res chain seq x y z
N CYS A 42 -12.72 -16.51 12.73
CA CYS A 42 -11.63 -16.02 11.89
C CYS A 42 -11.55 -14.50 11.98
N PRO A 43 -10.58 -14.01 12.75
CA PRO A 43 -10.49 -12.56 13.00
C PRO A 43 -9.75 -11.79 11.92
N LEU A 44 -9.04 -12.46 11.01
CA LEU A 44 -8.30 -11.76 9.96
C LEU A 44 -8.36 -12.61 8.70
N MET A 45 -9.05 -12.10 7.66
CA MET A 45 -9.16 -12.79 6.39
C MET A 45 -8.71 -11.83 5.29
N VAL A 46 -8.14 -12.38 4.21
CA VAL A 46 -7.72 -11.55 3.07
C VAL A 46 -8.32 -12.12 1.80
N LYS A 47 -8.85 -11.25 0.94
CA LYS A 47 -9.40 -11.68 -0.34
C LYS A 47 -8.73 -10.87 -1.44
N VAL A 48 -8.38 -11.52 -2.54
CA VAL A 48 -7.64 -10.86 -3.63
C VAL A 48 -8.31 -11.21 -4.94
N LEU A 49 -8.59 -10.19 -5.78
CA LEU A 49 -9.19 -10.40 -7.08
C LEU A 49 -8.28 -9.85 -8.17
N ASP A 50 -8.43 -10.40 -9.38
CA ASP A 50 -7.65 -10.02 -10.55
C ASP A 50 -8.56 -9.24 -11.50
N ALA A 51 -8.24 -7.97 -11.74
CA ALA A 51 -9.10 -7.11 -12.56
C ALA A 51 -8.86 -7.26 -14.06
N VAL A 52 -7.80 -7.99 -14.46
CA VAL A 52 -7.56 -8.26 -15.87
C VAL A 52 -8.35 -9.45 -16.33
N ARG A 53 -8.46 -10.47 -15.48
CA ARG A 53 -9.13 -11.70 -15.84
C ARG A 53 -10.56 -11.79 -15.32
N GLY A 54 -10.95 -10.96 -14.36
CA GLY A 54 -12.26 -11.06 -13.76
C GLY A 54 -12.40 -12.35 -12.98
N SER A 55 -11.41 -12.63 -12.14
CA SER A 55 -11.39 -13.89 -11.44
C SER A 55 -10.75 -13.66 -10.08
N PRO A 56 -10.93 -14.57 -9.13
CA PRO A 56 -10.09 -14.55 -7.93
C PRO A 56 -8.62 -14.63 -8.32
N ALA A 57 -7.76 -14.02 -7.51
CA ALA A 57 -6.33 -14.11 -7.70
C ALA A 57 -5.83 -15.28 -6.86
N ILE A 58 -5.44 -16.37 -7.51
CA ILE A 58 -5.16 -17.64 -6.85
C ILE A 58 -3.66 -17.76 -6.61
N ASN A 59 -3.28 -18.38 -5.48
CA ASN A 59 -1.88 -18.67 -5.16
C ASN A 59 -1.07 -17.40 -4.94
N VAL A 60 -1.69 -16.37 -4.37
CA VAL A 60 -1.00 -15.11 -4.08
C VAL A 60 -0.44 -15.24 -2.68
N ALA A 61 0.88 -15.11 -2.56
CA ALA A 61 1.51 -15.23 -1.24
C ALA A 61 1.36 -13.93 -0.48
N MET A 62 1.27 -14.04 0.85
CA MET A 62 1.34 -12.82 1.65
C MET A 62 1.92 -13.13 3.02
N HIS A 63 2.51 -12.10 3.60
CA HIS A 63 3.13 -12.17 4.92
C HIS A 63 2.52 -11.09 5.80
N VAL A 64 2.18 -11.45 7.03
CA VAL A 64 1.66 -10.50 8.01
C VAL A 64 2.74 -10.27 9.06
N PHE A 65 2.93 -9.00 9.43
CA PHE A 65 3.89 -8.60 10.46
C PHE A 65 3.18 -7.78 11.52
N ARG A 66 3.78 -7.75 12.71
CA ARG A 66 3.24 -6.98 13.81
C ARG A 66 4.35 -6.13 14.38
N LYS A 67 4.04 -4.88 14.70
CA LYS A 67 5.10 -3.98 15.14
C LYS A 67 5.45 -4.30 16.59
N ALA A 68 6.72 -4.57 16.86
CA ALA A 68 7.15 -4.91 18.21
C ALA A 68 7.34 -3.65 19.05
N ALA A 69 7.60 -3.85 20.34
CA ALA A 69 7.79 -2.71 21.24
C ALA A 69 8.99 -1.86 20.82
N ASP A 70 10.05 -2.49 20.34
CA ASP A 70 11.24 -1.78 19.87
C ASP A 70 11.06 -1.14 18.50
N ASP A 71 9.83 -1.16 17.96
CA ASP A 71 9.45 -0.51 16.71
C ASP A 71 9.92 -1.23 15.45
N THR A 72 10.29 -2.51 15.53
CA THR A 72 10.61 -3.29 14.35
C THR A 72 9.41 -4.16 13.96
N TRP A 73 9.41 -4.63 12.71
CA TRP A 73 8.34 -5.49 12.22
C TRP A 73 8.68 -6.94 12.52
N GLU A 74 7.82 -7.60 13.30
CA GLU A 74 8.08 -9.01 13.56
C GLU A 74 7.15 -9.89 12.75
N PRO A 75 7.65 -11.01 12.24
CA PRO A 75 6.77 -11.96 11.52
C PRO A 75 5.63 -12.43 12.41
N PHE A 76 4.42 -12.43 11.85
CA PHE A 76 3.22 -12.80 12.59
C PHE A 76 2.48 -13.99 11.98
N ALA A 77 2.29 -14.01 10.66
CA ALA A 77 1.59 -15.11 10.00
C ALA A 77 1.84 -15.00 8.51
N SER A 78 1.58 -16.09 7.79
CA SER A 78 1.74 -16.05 6.32
C SER A 78 0.94 -17.16 5.68
N GLY A 79 0.74 -17.04 4.37
CA GLY A 79 -0.02 -18.06 3.65
C GLY A 79 -0.23 -17.61 2.22
N LYS A 80 -1.05 -18.38 1.49
CA LYS A 80 -1.36 -17.97 0.13
C LYS A 80 -2.84 -18.17 -0.16
N THR A 81 -3.35 -17.43 -1.14
CA THR A 81 -4.78 -17.46 -1.39
C THR A 81 -5.19 -18.77 -2.06
N SER A 82 -6.41 -19.18 -1.77
CA SER A 82 -6.99 -20.42 -2.30
C SER A 82 -7.54 -20.17 -3.71
N GLU A 83 -8.21 -21.19 -4.26
CA GLU A 83 -8.84 -21.08 -5.57
C GLU A 83 -9.98 -20.08 -5.57
N SER A 84 -10.48 -19.70 -4.40
CA SER A 84 -11.48 -18.64 -4.31
C SER A 84 -10.86 -17.26 -4.08
N GLY A 85 -9.53 -17.16 -4.08
CA GLY A 85 -8.89 -15.88 -3.83
C GLY A 85 -8.82 -15.48 -2.38
N GLU A 86 -9.17 -16.37 -1.46
CA GLU A 86 -9.27 -16.06 -0.04
C GLU A 86 -8.17 -16.75 0.74
N LEU A 87 -7.72 -16.10 1.81
CA LEU A 87 -6.78 -16.70 2.75
C LEU A 87 -7.43 -16.61 4.13
N HIS A 88 -7.76 -17.76 4.70
CA HIS A 88 -8.35 -17.88 6.03
C HIS A 88 -7.34 -18.50 6.98
N GLY A 89 -7.64 -18.40 8.28
CA GLY A 89 -6.87 -19.13 9.28
C GLY A 89 -5.50 -18.57 9.60
N LEU A 90 -5.25 -17.29 9.29
CA LEU A 90 -3.97 -16.70 9.60
C LEU A 90 -3.70 -16.65 11.09
N THR A 91 -4.72 -16.40 11.91
CA THR A 91 -4.50 -16.23 13.35
C THR A 91 -5.73 -16.66 14.12
N THR A 92 -5.69 -16.48 15.44
CA THR A 92 -6.80 -16.78 16.31
C THR A 92 -7.14 -15.54 17.14
N GLU A 93 -8.34 -15.54 17.72
CA GLU A 93 -8.72 -14.38 18.53
C GLU A 93 -7.74 -14.14 19.67
N GLU A 94 -7.22 -15.22 20.29
CA GLU A 94 -6.32 -15.07 21.43
C GLU A 94 -4.96 -14.47 21.00
N GLU A 95 -4.46 -14.87 19.83
CA GLU A 95 -3.15 -14.44 19.40
C GLU A 95 -3.18 -13.04 18.79
N PHE A 96 -4.33 -12.63 18.26
CA PHE A 96 -4.50 -11.38 17.50
C PHE A 96 -4.80 -10.23 18.46
N VAL A 97 -3.77 -9.82 19.20
CA VAL A 97 -3.90 -8.78 20.21
C VAL A 97 -3.87 -7.40 19.58
N GLU A 98 -4.14 -6.36 20.38
CA GLU A 98 -3.97 -4.98 19.92
C GLU A 98 -2.58 -4.79 19.36
N GLY A 99 -2.47 -4.03 18.29
CA GLY A 99 -1.16 -3.72 17.75
C GLY A 99 -1.30 -3.10 16.39
N ILE A 100 -0.16 -2.79 15.80
CA ILE A 100 -0.10 -2.30 14.42
C ILE A 100 0.35 -3.46 13.56
N TYR A 101 -0.45 -3.78 12.54
CA TYR A 101 -0.18 -4.93 11.68
C TYR A 101 0.07 -4.45 10.27
N LYS A 102 0.88 -5.21 9.54
CA LYS A 102 1.15 -4.93 8.13
C LYS A 102 0.90 -6.21 7.36
N VAL A 103 0.09 -6.13 6.32
CA VAL A 103 -0.15 -7.26 5.41
C VAL A 103 0.58 -6.93 4.11
N GLU A 104 1.55 -7.77 3.74
CA GLU A 104 2.38 -7.53 2.56
C GLU A 104 1.96 -8.57 1.51
N ILE A 105 1.29 -8.12 0.46
CA ILE A 105 0.75 -9.04 -0.55
C ILE A 105 1.72 -9.09 -1.72
N ASP A 106 2.20 -10.28 -2.08
CA ASP A 106 3.28 -10.38 -3.08
C ASP A 106 2.66 -10.35 -4.47
N THR A 107 2.31 -9.14 -4.89
CA THR A 107 1.63 -9.01 -6.19
C THR A 107 2.62 -9.18 -7.34
N LYS A 108 3.89 -8.83 -7.14
CA LYS A 108 4.84 -8.90 -8.27
C LYS A 108 4.99 -10.33 -8.76
N SER A 109 5.16 -11.29 -7.83
CA SER A 109 5.27 -12.70 -8.22
C SER A 109 4.01 -13.19 -8.92
N TYR A 110 2.84 -12.77 -8.43
CA TYR A 110 1.59 -13.15 -9.09
C TYR A 110 1.56 -12.73 -10.55
N TRP A 111 1.88 -11.46 -10.83
CA TRP A 111 1.82 -10.97 -12.21
C TRP A 111 2.90 -11.61 -13.07
N LYS A 112 4.10 -11.83 -12.51
CA LYS A 112 5.18 -12.39 -13.31
C LYS A 112 4.81 -13.75 -13.87
N ALA A 113 4.17 -14.59 -13.06
CA ALA A 113 3.74 -15.93 -13.50
C ALA A 113 2.70 -15.86 -14.61
N LEU A 114 1.97 -14.76 -14.73
CA LEU A 114 1.03 -14.56 -15.84
C LEU A 114 1.68 -13.88 -17.04
N GLY A 115 2.99 -13.67 -17.02
CA GLY A 115 3.68 -13.05 -18.11
C GLY A 115 3.67 -11.54 -18.11
N ILE A 116 3.24 -10.91 -17.03
CA ILE A 116 3.10 -9.46 -16.95
C ILE A 116 4.19 -8.91 -16.05
N SER A 117 4.84 -7.83 -16.50
CA SER A 117 5.78 -7.08 -15.67
C SER A 117 5.02 -5.95 -15.02
N PRO A 118 4.70 -6.05 -13.74
CA PRO A 118 3.85 -5.05 -13.09
C PRO A 118 4.68 -3.91 -12.49
N PHE A 119 3.96 -2.88 -12.07
CA PHE A 119 4.61 -1.70 -11.52
C PHE A 119 5.05 -1.92 -10.08
N HIS A 120 4.16 -2.45 -9.24
CA HIS A 120 4.43 -2.48 -7.81
C HIS A 120 5.23 -3.71 -7.40
N GLU A 121 6.02 -3.56 -6.33
CA GLU A 121 6.74 -4.70 -5.77
C GLU A 121 5.80 -5.60 -4.98
N HIS A 122 4.90 -4.96 -4.23
CA HIS A 122 3.90 -5.66 -3.44
C HIS A 122 2.88 -4.61 -3.03
N ALA A 123 1.74 -5.09 -2.54
CA ALA A 123 0.74 -4.21 -1.94
C ALA A 123 0.90 -4.32 -0.43
N GLU A 124 0.99 -3.18 0.23
CA GLU A 124 1.11 -3.13 1.69
C GLU A 124 -0.16 -2.55 2.28
N VAL A 125 -0.65 -3.15 3.36
CA VAL A 125 -1.81 -2.64 4.10
C VAL A 125 -1.38 -2.58 5.57
N VAL A 126 -1.32 -1.37 6.13
CA VAL A 126 -0.86 -1.15 7.51
C VAL A 126 -2.00 -0.55 8.32
N PHE A 127 -2.31 -1.17 9.45
CA PHE A 127 -3.46 -0.69 10.23
C PHE A 127 -3.30 -1.07 11.69
N THR A 128 -3.93 -0.27 12.57
CA THR A 128 -4.05 -0.64 13.98
C THR A 128 -5.26 -1.55 14.16
N ALA A 129 -5.07 -2.68 14.82
CA ALA A 129 -6.16 -3.64 15.02
C ALA A 129 -6.51 -3.75 16.49
N ASN A 130 -7.80 -3.91 16.78
CA ASN A 130 -8.32 -4.28 18.10
C ASN A 130 -8.10 -3.21 19.16
N ASP A 131 -7.97 -1.94 18.76
CA ASP A 131 -7.74 -0.87 19.72
C ASP A 131 -8.96 -0.58 20.60
N SER A 132 -10.16 -0.95 20.16
CA SER A 132 -11.37 -0.77 20.96
C SER A 132 -11.96 -2.11 21.39
N GLY A 133 -11.13 -3.14 21.49
CA GLY A 133 -11.61 -4.47 21.71
C GLY A 133 -11.55 -5.29 20.44
N PRO A 134 -11.84 -6.58 20.55
CA PRO A 134 -11.68 -7.48 19.40
C PRO A 134 -12.64 -7.13 18.26
N ARG A 135 -12.09 -7.15 17.05
CA ARG A 135 -12.87 -7.01 15.82
C ARG A 135 -12.47 -8.13 14.86
N ARG A 136 -13.31 -8.33 13.83
CA ARG A 136 -12.98 -9.22 12.73
C ARG A 136 -12.67 -8.34 11.53
N TYR A 137 -11.58 -8.62 10.82
CA TYR A 137 -11.11 -7.79 9.72
C TYR A 137 -11.06 -8.61 8.45
N THR A 138 -11.64 -8.08 7.37
CA THR A 138 -11.41 -8.60 6.04
C THR A 138 -10.66 -7.54 5.26
N ILE A 139 -9.52 -7.90 4.71
CA ILE A 139 -8.69 -7.03 3.90
C ILE A 139 -8.89 -7.51 2.47
N ALA A 140 -9.34 -6.64 1.59
CA ALA A 140 -9.61 -7.02 0.22
C ALA A 140 -8.70 -6.20 -0.69
N ALA A 141 -8.16 -6.83 -1.74
CA ALA A 141 -7.29 -6.15 -2.70
C ALA A 141 -7.71 -6.51 -4.11
N LEU A 142 -7.80 -5.52 -5.00
CA LEU A 142 -8.13 -5.72 -6.41
C LEU A 142 -6.88 -5.32 -7.19
N LEU A 143 -6.37 -6.24 -8.01
CA LEU A 143 -5.06 -6.06 -8.64
C LEU A 143 -5.20 -5.83 -10.14
N SER A 144 -4.47 -4.83 -10.63
CA SER A 144 -4.16 -4.65 -12.05
C SER A 144 -2.66 -4.46 -12.16
N PRO A 145 -2.09 -4.59 -13.35
CA PRO A 145 -0.62 -4.50 -13.46
C PRO A 145 -0.03 -3.19 -12.96
N TYR A 146 -0.69 -2.06 -13.23
CA TYR A 146 -0.19 -0.75 -12.80
C TYR A 146 -1.06 -0.11 -11.71
N SER A 147 -1.91 -0.89 -11.05
CA SER A 147 -2.82 -0.26 -10.11
C SER A 147 -3.32 -1.31 -9.13
N TYR A 148 -3.62 -0.87 -7.91
CA TYR A 148 -4.44 -1.72 -7.06
C TYR A 148 -5.31 -0.87 -6.14
N SER A 149 -6.33 -1.51 -5.60
CA SER A 149 -7.20 -0.88 -4.64
C SER A 149 -7.30 -1.82 -3.46
N THR A 150 -7.40 -1.24 -2.27
CA THR A 150 -7.59 -2.08 -1.10
C THR A 150 -8.65 -1.46 -0.22
N THR A 151 -9.47 -2.32 0.41
CA THR A 151 -10.46 -1.83 1.33
C THR A 151 -10.50 -2.76 2.53
N ALA A 152 -11.21 -2.35 3.55
CA ALA A 152 -11.26 -3.17 4.76
C ALA A 152 -12.70 -3.19 5.22
N VAL A 153 -13.16 -4.36 5.65
CA VAL A 153 -14.47 -4.51 6.25
C VAL A 153 -14.21 -4.93 7.69
N VAL A 154 -14.72 -4.14 8.64
CA VAL A 154 -14.45 -4.36 10.05
C VAL A 154 -15.79 -4.63 10.70
N THR A 155 -15.93 -5.77 11.35
CA THR A 155 -17.18 -6.12 12.01
C THR A 155 -16.94 -6.40 13.49
N ASN A 156 -17.96 -6.15 14.30
CA ASN A 156 -17.88 -6.42 15.73
C ASN A 156 -18.49 -7.79 16.03
N CYS B 42 10.95 16.88 -13.96
CA CYS B 42 10.33 16.20 -12.82
C CYS B 42 10.09 14.73 -13.15
N PRO B 43 10.99 13.85 -12.68
CA PRO B 43 10.87 12.43 -13.00
C PRO B 43 9.91 11.68 -12.11
N LEU B 44 9.46 12.26 -11.01
CA LEU B 44 8.59 11.58 -10.06
C LEU B 44 7.68 12.60 -9.41
N MET B 45 6.37 12.42 -9.58
CA MET B 45 5.35 13.31 -9.05
C MET B 45 4.30 12.46 -8.34
N VAL B 46 3.68 13.03 -7.30
CA VAL B 46 2.62 12.34 -6.56
C VAL B 46 1.37 13.19 -6.56
N LYS B 47 0.21 12.57 -6.79
CA LYS B 47 -1.06 13.29 -6.76
C LYS B 47 -2.00 12.52 -5.85
N VAL B 48 -2.70 13.25 -4.97
CA VAL B 48 -3.57 12.63 -3.98
C VAL B 48 -4.94 13.30 -4.02
N LEU B 49 -6.00 12.48 -4.07
CA LEU B 49 -7.37 12.98 -4.14
C LEU B 49 -8.17 12.41 -2.99
N ASP B 50 -9.21 13.13 -2.60
CA ASP B 50 -10.08 12.77 -1.48
C ASP B 50 -11.43 12.35 -2.04
N ALA B 51 -11.82 11.08 -1.81
CA ALA B 51 -13.05 10.50 -2.36
C ALA B 51 -14.29 10.82 -1.54
N VAL B 52 -14.13 11.35 -0.32
CA VAL B 52 -15.25 11.77 0.51
C VAL B 52 -15.71 13.16 0.13
N ARG B 53 -14.77 14.04 -0.18
CA ARG B 53 -15.09 15.43 -0.49
C ARG B 53 -15.04 15.75 -1.97
N GLY B 54 -14.48 14.88 -2.80
CA GLY B 54 -14.43 15.17 -4.22
C GLY B 54 -13.46 16.28 -4.55
N SER B 55 -12.27 16.22 -3.97
CA SER B 55 -11.37 17.37 -4.06
C SER B 55 -9.95 16.87 -3.94
N PRO B 56 -8.96 17.69 -4.34
CA PRO B 56 -7.58 17.36 -4.03
C PRO B 56 -7.41 17.20 -2.53
N ALA B 57 -6.50 16.32 -2.14
CA ALA B 57 -6.14 16.12 -0.74
C ALA B 57 -4.94 17.03 -0.47
N ILE B 58 -5.19 18.13 0.25
CA ILE B 58 -4.22 19.20 0.43
C ILE B 58 -3.47 18.99 1.73
N ASN B 59 -2.19 19.35 1.73
CA ASN B 59 -1.35 19.31 2.93
C ASN B 59 -1.11 17.90 3.43
N VAL B 60 -1.10 16.92 2.53
CA VAL B 60 -0.82 15.54 2.91
C VAL B 60 0.69 15.35 2.92
N ALA B 61 1.23 14.92 4.05
CA ALA B 61 2.66 14.71 4.13
C ALA B 61 3.03 13.34 3.57
N MET B 62 4.20 13.27 2.93
CA MET B 62 4.69 11.97 2.50
C MET B 62 6.20 11.95 2.50
N HIS B 63 6.75 10.74 2.68
CA HIS B 63 8.18 10.50 2.58
C HIS B 63 8.44 9.45 1.51
N VAL B 64 9.54 9.60 0.80
CA VAL B 64 10.00 8.66 -0.20
C VAL B 64 11.30 8.05 0.31
N PHE B 65 11.41 6.73 0.20
CA PHE B 65 12.59 6.00 0.65
C PHE B 65 13.15 5.22 -0.53
N ARG B 66 14.46 4.96 -0.51
CA ARG B 66 15.08 4.08 -1.47
C ARG B 66 15.68 2.88 -0.73
N LYS B 67 15.52 1.69 -1.30
CA LYS B 67 15.98 0.50 -0.60
C LYS B 67 17.50 0.40 -0.65
N ALA B 68 18.11 0.12 0.49
CA ALA B 68 19.56 0.00 0.59
C ALA B 68 19.99 -1.45 0.40
N ALA B 69 21.29 -1.64 0.17
CA ALA B 69 21.82 -2.99 -0.05
C ALA B 69 21.63 -3.87 1.16
N ASP B 70 21.58 -3.30 2.37
CA ASP B 70 21.28 -4.05 3.58
C ASP B 70 19.77 -4.22 3.81
N ASP B 71 18.95 -3.96 2.79
CA ASP B 71 17.49 -4.13 2.85
C ASP B 71 16.81 -3.18 3.84
N THR B 72 17.42 -2.06 4.17
CA THR B 72 16.75 -1.03 4.97
C THR B 72 16.30 0.10 4.06
N TRP B 73 15.37 0.92 4.59
CA TRP B 73 14.79 2.02 3.84
C TRP B 73 15.52 3.31 4.20
N GLU B 74 16.24 3.86 3.22
CA GLU B 74 16.95 5.12 3.40
C GLU B 74 16.07 6.27 2.96
N PRO B 75 15.88 7.29 3.81
CA PRO B 75 15.12 8.46 3.37
C PRO B 75 15.75 9.11 2.14
N PHE B 76 14.89 9.51 1.22
CA PHE B 76 15.27 10.00 -0.09
C PHE B 76 14.72 11.40 -0.37
N ALA B 77 13.44 11.62 -0.08
CA ALA B 77 12.79 12.89 -0.34
C ALA B 77 11.50 12.92 0.48
N SER B 78 10.93 14.11 0.59
CA SER B 78 9.63 14.24 1.28
C SER B 78 9.05 15.61 0.98
N GLY B 79 7.80 15.79 1.39
CA GLY B 79 7.09 17.04 1.15
C GLY B 79 5.63 16.87 1.52
N LYS B 80 4.87 17.92 1.27
CA LYS B 80 3.42 17.92 1.49
C LYS B 80 2.71 18.32 0.21
N THR B 81 1.53 17.76 -0.03
CA THR B 81 0.83 18.09 -1.26
C THR B 81 0.35 19.53 -1.25
N SER B 82 0.23 20.08 -2.45
CA SER B 82 -0.18 21.46 -2.67
C SER B 82 -1.70 21.57 -2.65
N GLU B 83 -2.20 22.78 -2.93
CA GLU B 83 -3.65 22.97 -3.02
C GLU B 83 -4.27 22.20 -4.18
N SER B 84 -3.45 21.78 -5.14
CA SER B 84 -3.92 20.93 -6.21
C SER B 84 -3.75 19.45 -5.88
N GLY B 85 -3.33 19.14 -4.65
CA GLY B 85 -3.09 17.77 -4.27
C GLY B 85 -1.86 17.15 -4.86
N GLU B 86 -0.94 17.95 -5.41
CA GLU B 86 0.24 17.44 -6.09
C GLU B 86 1.50 17.77 -5.31
N LEU B 87 2.50 16.90 -5.43
CA LEU B 87 3.81 17.13 -4.84
C LEU B 87 4.84 16.92 -5.94
N HIS B 88 5.50 18.01 -6.35
CA HIS B 88 6.51 18.01 -7.40
C HIS B 88 7.88 18.29 -6.78
N GLY B 89 8.93 18.14 -7.60
CA GLY B 89 10.26 18.52 -7.15
C GLY B 89 10.90 17.58 -6.15
N LEU B 90 10.41 16.34 -6.07
CA LEU B 90 10.95 15.40 -5.09
C LEU B 90 12.40 15.04 -5.40
N THR B 91 12.74 14.88 -6.69
CA THR B 91 14.05 14.40 -7.07
C THR B 91 14.40 14.97 -8.43
N THR B 92 15.61 14.65 -8.90
CA THR B 92 16.05 15.03 -10.22
C THR B 92 16.41 13.78 -11.02
N GLU B 93 16.54 13.96 -12.33
CA GLU B 93 16.81 12.82 -13.20
C GLU B 93 18.14 12.17 -12.86
N GLU B 94 19.16 12.97 -12.53
CA GLU B 94 20.47 12.41 -12.17
C GLU B 94 20.38 11.55 -10.91
N GLU B 95 19.57 11.97 -9.94
CA GLU B 95 19.51 11.28 -8.65
C GLU B 95 18.59 10.07 -8.68
N PHE B 96 17.59 10.06 -9.55
CA PHE B 96 16.52 9.05 -9.54
C PHE B 96 16.98 7.86 -10.36
N VAL B 97 17.89 7.07 -9.78
CA VAL B 97 18.47 5.92 -10.46
C VAL B 97 17.60 4.69 -10.26
N GLU B 98 17.86 3.64 -11.04
CA GLU B 98 17.14 2.38 -10.90
C GLU B 98 17.27 1.85 -9.48
N GLY B 99 16.23 1.17 -9.03
CA GLY B 99 16.19 0.68 -7.66
C GLY B 99 14.74 0.58 -7.23
N ILE B 100 14.56 0.21 -5.96
CA ILE B 100 13.24 0.03 -5.36
C ILE B 100 12.97 1.22 -4.46
N TYR B 101 11.79 1.84 -4.64
CA TYR B 101 11.42 3.03 -3.90
C TYR B 101 10.11 2.79 -3.18
N LYS B 102 9.96 3.46 -2.04
CA LYS B 102 8.71 3.40 -1.27
C LYS B 102 8.24 4.81 -1.01
N VAL B 103 6.96 5.07 -1.29
CA VAL B 103 6.32 6.34 -0.97
C VAL B 103 5.34 6.07 0.15
N GLU B 104 5.58 6.68 1.32
CA GLU B 104 4.71 6.50 2.49
C GLU B 104 3.88 7.77 2.66
N ILE B 105 2.57 7.66 2.44
CA ILE B 105 1.66 8.79 2.47
C ILE B 105 0.95 8.80 3.82
N ASP B 106 1.07 9.90 4.57
CA ASP B 106 0.50 9.95 5.92
C ASP B 106 -1.00 10.24 5.84
N THR B 107 -1.75 9.21 5.44
CA THR B 107 -3.19 9.38 5.30
C THR B 107 -3.86 9.51 6.66
N LYS B 108 -3.30 8.88 7.70
CA LYS B 108 -3.96 8.91 9.00
C LYS B 108 -4.08 10.34 9.52
N SER B 109 -3.00 11.12 9.43
CA SER B 109 -3.03 12.50 9.89
C SER B 109 -3.98 13.35 9.07
N TYR B 110 -4.11 13.05 7.78
CA TYR B 110 -5.07 13.77 6.93
C TYR B 110 -6.50 13.57 7.40
N TRP B 111 -6.90 12.31 7.63
CA TRP B 111 -8.28 12.06 8.08
C TRP B 111 -8.51 12.61 9.48
N LYS B 112 -7.52 12.51 10.36
CA LYS B 112 -7.70 13.01 11.72
C LYS B 112 -7.92 14.52 11.71
N ALA B 113 -7.24 15.25 10.81
CA ALA B 113 -7.46 16.69 10.72
C ALA B 113 -8.87 17.02 10.24
N LEU B 114 -9.51 16.11 9.51
CA LEU B 114 -10.88 16.31 9.06
C LEU B 114 -11.89 15.79 10.06
N GLY B 115 -11.45 15.20 11.17
CA GLY B 115 -12.36 14.66 12.14
C GLY B 115 -12.96 13.32 11.77
N ILE B 116 -12.27 12.52 10.96
CA ILE B 116 -12.79 11.27 10.43
C ILE B 116 -11.85 10.15 10.86
N SER B 117 -12.44 9.04 11.31
CA SER B 117 -11.66 7.94 11.87
C SER B 117 -11.22 7.03 10.73
N PRO B 118 -9.92 6.92 10.44
CA PRO B 118 -9.48 6.11 9.30
C PRO B 118 -9.05 4.71 9.67
N PHE B 119 -8.96 3.83 8.67
CA PHE B 119 -8.49 2.47 8.92
C PHE B 119 -6.97 2.36 8.88
N HIS B 120 -6.34 2.95 7.85
CA HIS B 120 -4.92 2.69 7.58
C HIS B 120 -4.03 3.64 8.37
N GLU B 121 -2.87 3.12 8.80
CA GLU B 121 -1.85 3.98 9.41
C GLU B 121 -1.25 4.93 8.39
N HIS B 122 -1.04 4.44 7.18
CA HIS B 122 -0.53 5.23 6.06
C HIS B 122 -0.79 4.42 4.81
N ALA B 123 -0.63 5.07 3.66
CA ALA B 123 -0.69 4.39 2.38
C ALA B 123 0.73 4.26 1.86
N GLU B 124 1.12 3.06 1.47
CA GLU B 124 2.49 2.77 1.06
C GLU B 124 2.48 2.27 -0.37
N VAL B 125 3.33 2.86 -1.21
CA VAL B 125 3.44 2.47 -2.60
C VAL B 125 4.89 2.07 -2.83
N VAL B 126 5.13 0.81 -3.17
CA VAL B 126 6.48 0.27 -3.33
C VAL B 126 6.65 -0.20 -4.76
N PHE B 127 7.68 0.29 -5.44
CA PHE B 127 7.82 0.02 -6.87
C PHE B 127 9.29 0.01 -7.28
N THR B 128 9.55 -0.63 -8.42
CA THR B 128 10.87 -0.59 -9.03
C THR B 128 10.89 0.48 -10.11
N ALA B 129 11.91 1.34 -10.07
CA ALA B 129 12.16 2.27 -11.15
C ALA B 129 13.15 1.61 -12.11
N ASN B 130 12.80 1.62 -13.40
CA ASN B 130 13.61 0.96 -14.42
C ASN B 130 13.92 1.93 -15.54
N ASP B 131 15.03 1.69 -16.22
CA ASP B 131 15.46 2.52 -17.35
C ASP B 131 15.08 1.79 -18.64
N SER B 132 13.85 2.05 -19.10
CA SER B 132 13.37 1.60 -20.41
C SER B 132 13.00 2.88 -21.16
N GLY B 133 14.00 3.50 -21.78
CA GLY B 133 13.81 4.77 -22.44
C GLY B 133 13.52 5.89 -21.46
N PRO B 134 13.27 7.09 -21.97
CA PRO B 134 12.89 8.21 -21.09
C PRO B 134 11.54 7.94 -20.44
N ARG B 135 11.49 8.06 -19.11
CA ARG B 135 10.28 7.74 -18.36
C ARG B 135 10.09 8.73 -17.21
N ARG B 136 8.89 9.29 -17.11
CA ARG B 136 8.46 10.08 -15.96
C ARG B 136 7.34 9.32 -15.25
N TYR B 137 7.35 9.33 -13.92
CA TYR B 137 6.43 8.55 -13.11
C TYR B 137 5.50 9.50 -12.35
N THR B 138 4.19 9.27 -12.45
CA THR B 138 3.24 9.89 -11.54
C THR B 138 2.60 8.79 -10.71
N ILE B 139 2.67 8.94 -9.40
CA ILE B 139 2.02 8.03 -8.46
C ILE B 139 0.77 8.74 -8.02
N ALA B 140 -0.39 8.13 -8.26
CA ALA B 140 -1.65 8.76 -7.86
C ALA B 140 -2.31 7.88 -6.80
N ALA B 141 -2.94 8.52 -5.82
CA ALA B 141 -3.62 7.81 -4.74
C ALA B 141 -4.97 8.46 -4.51
N LEU B 142 -6.02 7.66 -4.38
CA LEU B 142 -7.37 8.15 -4.12
C LEU B 142 -7.76 7.61 -2.76
N LEU B 143 -8.11 8.52 -1.85
CA LEU B 143 -8.25 8.19 -0.43
C LEU B 143 -9.71 8.20 0.01
N SER B 144 -10.13 7.12 0.69
CA SER B 144 -11.34 7.05 1.50
C SER B 144 -10.95 6.60 2.90
N PRO B 145 -11.82 6.78 3.91
CA PRO B 145 -11.42 6.40 5.28
C PRO B 145 -11.04 4.93 5.45
N TYR B 146 -11.73 4.00 4.78
CA TYR B 146 -11.44 2.57 4.89
C TYR B 146 -10.94 1.97 3.59
N SER B 147 -10.49 2.79 2.64
CA SER B 147 -10.06 2.23 1.38
C SER B 147 -9.12 3.22 0.71
N TYR B 148 -8.18 2.70 -0.07
CA TYR B 148 -7.48 3.57 -1.03
C TYR B 148 -7.15 2.81 -2.30
N SER B 149 -6.96 3.57 -3.36
CA SER B 149 -6.55 3.04 -4.65
C SER B 149 -5.32 3.80 -5.10
N THR B 150 -4.41 3.11 -5.76
CA THR B 150 -3.22 3.79 -6.27
C THR B 150 -2.95 3.29 -7.68
N THR B 151 -2.51 4.20 -8.55
CA THR B 151 -2.10 3.77 -9.86
C THR B 151 -0.83 4.53 -10.22
N ALA B 152 -0.17 4.04 -11.25
CA ALA B 152 1.05 4.67 -11.73
C ALA B 152 0.80 5.05 -13.19
N VAL B 153 1.16 6.27 -13.53
CA VAL B 153 1.12 6.74 -14.92
C VAL B 153 2.57 6.92 -15.32
N VAL B 154 3.06 6.07 -16.21
CA VAL B 154 4.45 6.08 -16.63
C VAL B 154 4.46 6.55 -18.08
N THR B 155 5.05 7.72 -18.33
CA THR B 155 5.01 8.34 -19.65
C THR B 155 6.42 8.65 -20.12
N ASN B 156 6.55 9.02 -21.39
CA ASN B 156 7.85 9.35 -21.95
C ASN B 156 8.16 10.84 -21.80
#